data_4NNC
#
_entry.id   4NNC
#
_cell.length_a   174.634
_cell.length_b   174.634
_cell.length_c   46.057
_cell.angle_alpha   90.00
_cell.angle_beta   90.00
_cell.angle_gamma   90.00
#
_symmetry.space_group_name_H-M   'P 43 21 2'
#
loop_
_entity.id
_entity.type
_entity.pdbx_description
1 polymer 'OBCA, Oxalate Biosynthetic Component A'
2 non-polymer 'COBALT (II) ION'
3 non-polymer 'OXALATE ION'
4 non-polymer '(3S)-3-[2-[3-[[(2R)-4-[[[(2R,3S,4R,5R)-5-(6-aminopurin-9-yl)-4-oxidanyl-3-phosphonooxy-oxolan-2-yl]methoxy-oxidanyl-phosphoryl]oxy-oxidanyl-phosphoryl]oxy-3,3-dimethyl-2-oxidanyl-butanoyl]amino]propanoylamino]ethylsulfanyl]-3-oxidanyl-butanoic acid'
5 water water
#
_entity_poly.entity_id   1
_entity_poly.type   'polypeptide(L)'
_entity_poly.pdbx_seq_one_letter_code
;GHMTSLYITAAPIGAVPKFLDPFEATFIPSFLLEGFFDADRCASIAADLKTDGWEVVPAGGRLLQVGHAQPIDERLLAGN
AQAATIRQALEAARWTRRDGAWHPPRLAAPNAAHFPKPWLAALSNKLARRIVLQLTTYGWIVSEQGDLLWEHERQHHYLP
PALIEAIEKESPALLKNMEEAGWIACAAGYWQAGKARSPYLPITPEAITEETIRSMRAGAAVVHLHTRDLSDRRRIEIPG
LGVVTVGSQRNQIVLDDYDAIVPMVKKREPAAILNLSTSVRGDRHGARSKLRRAHLKFYDDVGSAPEVASLSPAAVVFQG
GGGYDNAPDFLDAQFDHFERVGTRPEVEVFNHAIVDNATSLYRDRLLRTGKPVLFMLVAGVDQYRRDPITGEVEDDSLIA
RVVREEISSLLADESADSHRRAVELAIGQLRPVVERLRASFPVSKISILLPGPMQNLLVDVALGLGLDGIRVGLEDGLTV
NDARVPGGVRKARGTWEQVSLVREELLGRGATILTAAQVRDMFGLGIKPAARRERDPQTAAG
;
_entity_poly.pdbx_strand_id   A
#
# COMPACT_ATOMS: atom_id res chain seq x y z
N THR A 4 1.92 17.69 -22.83
CA THR A 4 2.02 17.04 -21.51
C THR A 4 1.49 15.61 -21.53
N SER A 5 2.41 14.65 -21.59
CA SER A 5 2.07 13.23 -21.49
C SER A 5 2.69 12.53 -20.27
N LEU A 6 1.82 11.93 -19.45
CA LEU A 6 2.23 11.20 -18.25
C LEU A 6 1.91 9.72 -18.44
N TYR A 7 2.66 8.84 -17.77
CA TYR A 7 2.27 7.44 -17.69
C TYR A 7 2.00 7.05 -16.23
N ILE A 8 0.99 6.22 -16.01
CA ILE A 8 0.64 5.82 -14.65
C ILE A 8 1.24 4.45 -14.32
N THR A 9 1.85 4.34 -13.15
CA THR A 9 2.30 3.05 -12.64
C THR A 9 1.30 2.58 -11.60
N ALA A 10 0.89 1.32 -11.70
CA ALA A 10 0.07 0.69 -10.67
C ALA A 10 0.97 -0.19 -9.77
N ALA A 11 0.83 -0.05 -8.45
CA ALA A 11 1.56 -0.89 -7.49
C ALA A 11 0.57 -1.57 -6.55
N PRO A 12 0.07 -2.75 -6.96
CA PRO A 12 -1.04 -3.45 -6.28
C PRO A 12 -0.74 -4.18 -4.96
N ILE A 13 0.51 -4.52 -4.64
CA ILE A 13 0.77 -5.42 -3.52
C ILE A 13 1.70 -4.86 -2.45
N GLY A 14 2.93 -4.55 -2.85
CA GLY A 14 3.92 -4.02 -1.93
C GLY A 14 4.35 -4.95 -0.81
N ALA A 15 5.02 -4.37 0.18
CA ALA A 15 5.60 -5.10 1.31
C ALA A 15 4.75 -5.00 2.57
N VAL A 16 4.12 -3.83 2.78
CA VAL A 16 3.54 -3.53 4.10
C VAL A 16 2.07 -3.90 4.37
N PRO A 17 1.13 -3.50 3.48
CA PRO A 17 -0.27 -3.75 3.88
C PRO A 17 -0.60 -5.23 3.90
N LYS A 18 -1.67 -5.61 4.59
CA LYS A 18 -2.07 -7.01 4.62
C LYS A 18 -3.52 -7.24 4.15
N PHE A 19 -3.80 -8.46 3.71
CA PHE A 19 -5.14 -8.85 3.37
C PHE A 19 -5.96 -9.09 4.64
N LEU A 20 -7.19 -8.59 4.64
CA LEU A 20 -8.16 -8.88 5.70
C LEU A 20 -9.37 -9.57 5.08
N ASP A 21 -9.71 -10.75 5.59
CA ASP A 21 -10.90 -11.45 5.15
C ASP A 21 -12.12 -10.84 5.84
N PRO A 22 -12.96 -10.12 5.07
CA PRO A 22 -14.09 -9.39 5.66
C PRO A 22 -15.16 -10.30 6.26
N PHE A 23 -15.07 -11.61 5.98
CA PHE A 23 -16.03 -12.59 6.47
C PHE A 23 -15.58 -13.32 7.75
N GLU A 24 -14.35 -13.09 8.19
CA GLU A 24 -13.89 -13.70 9.44
C GLU A 24 -14.24 -12.84 10.64
N ALA A 25 -14.28 -13.46 11.82
CA ALA A 25 -14.57 -12.73 13.05
C ALA A 25 -13.54 -11.62 13.21
N THR A 26 -13.94 -10.50 13.81
CA THR A 26 -13.04 -9.38 14.03
C THR A 26 -12.94 -9.08 15.52
N PHE A 27 -13.54 -9.96 16.32
CA PHE A 27 -13.52 -9.84 17.78
C PHE A 27 -13.56 -11.22 18.41
N ILE A 28 -12.66 -11.46 19.36
CA ILE A 28 -12.65 -12.70 20.13
C ILE A 28 -12.79 -12.33 21.61
N PRO A 29 -13.94 -12.65 22.23
CA PRO A 29 -14.16 -12.34 23.65
C PRO A 29 -13.24 -13.16 24.55
N SER A 30 -12.58 -12.52 25.51
CA SER A 30 -11.70 -13.23 26.43
C SER A 30 -12.35 -14.46 27.08
N PHE A 31 -13.66 -14.39 27.37
CA PHE A 31 -14.31 -15.51 28.04
C PHE A 31 -14.34 -16.81 27.23
N LEU A 32 -14.53 -16.72 25.93
CA LEU A 32 -14.44 -17.92 25.10
C LEU A 32 -13.02 -18.47 25.10
N LEU A 33 -12.03 -17.56 25.06
CA LEU A 33 -10.63 -17.95 24.97
C LEU A 33 -10.17 -18.65 26.25
N GLU A 34 -10.24 -17.93 27.37
CA GLU A 34 -9.90 -18.48 28.68
C GLU A 34 -10.84 -19.61 29.07
N GLY A 35 -12.10 -19.51 28.67
CA GLY A 35 -13.10 -20.51 29.02
C GLY A 35 -12.91 -21.88 28.40
N PHE A 36 -12.34 -21.94 27.19
CA PHE A 36 -12.23 -23.22 26.48
C PHE A 36 -10.80 -23.69 26.21
N PHE A 37 -9.82 -23.08 26.85
CA PHE A 37 -8.44 -23.54 26.69
C PHE A 37 -7.68 -23.53 28.01
N ASP A 38 -6.71 -24.43 28.14
CA ASP A 38 -5.77 -24.40 29.25
C ASP A 38 -5.03 -23.08 29.21
N ALA A 39 -4.54 -22.63 30.36
CA ALA A 39 -3.87 -21.33 30.45
C ALA A 39 -2.69 -21.18 29.49
N ASP A 40 -2.02 -22.29 29.19
CA ASP A 40 -0.82 -22.26 28.35
C ASP A 40 -1.18 -22.18 26.86
N ARG A 41 -2.23 -22.89 26.46
CA ARG A 41 -2.68 -22.83 25.07
C ARG A 41 -3.50 -21.56 24.82
N CYS A 42 -4.15 -21.07 25.86
CA CYS A 42 -4.84 -19.78 25.81
C CYS A 42 -3.82 -18.66 25.60
N ALA A 43 -2.70 -18.73 26.31
CA ALA A 43 -1.63 -17.75 26.16
C ALA A 43 -0.94 -17.94 24.82
N SER A 44 -1.00 -19.16 24.31
CA SER A 44 -0.41 -19.48 23.02
C SER A 44 -1.20 -18.81 21.88
N ILE A 45 -2.51 -19.01 21.87
CA ILE A 45 -3.38 -18.38 20.88
C ILE A 45 -3.28 -16.86 20.96
N ALA A 46 -3.42 -16.30 22.16
CA ALA A 46 -3.35 -14.86 22.38
C ALA A 46 -2.08 -14.25 21.82
N ALA A 47 -0.96 -14.94 22.01
CA ALA A 47 0.33 -14.52 21.45
C ALA A 47 0.32 -14.60 19.92
N ASP A 48 -0.27 -15.67 19.38
CA ASP A 48 -0.39 -15.84 17.94
C ASP A 48 -1.23 -14.72 17.30
N LEU A 49 -2.29 -14.31 18.00
CA LEU A 49 -3.18 -13.26 17.52
C LEU A 49 -2.50 -11.89 17.50
N LYS A 50 -1.78 -11.58 18.58
CA LYS A 50 -1.05 -10.31 18.68
C LYS A 50 -0.04 -10.18 17.55
N THR A 51 0.61 -11.29 17.23
CA THR A 51 1.58 -11.32 16.14
C THR A 51 0.89 -10.98 14.83
N ASP A 52 -0.37 -11.40 14.70
CA ASP A 52 -1.13 -11.17 13.49
C ASP A 52 -1.78 -9.80 13.44
N GLY A 53 -1.54 -8.99 14.48
CA GLY A 53 -2.08 -7.65 14.55
C GLY A 53 -3.31 -7.47 15.44
N TRP A 54 -3.79 -8.54 16.07
CA TRP A 54 -4.92 -8.43 17.00
C TRP A 54 -4.48 -7.65 18.22
N GLU A 55 -5.36 -6.81 18.77
CA GLU A 55 -4.99 -6.03 19.93
C GLU A 55 -5.96 -6.18 21.08
N VAL A 56 -5.46 -6.07 22.32
CA VAL A 56 -6.29 -6.23 23.49
C VAL A 56 -7.24 -5.04 23.65
N VAL A 57 -8.53 -5.33 23.85
CA VAL A 57 -9.52 -4.29 24.10
C VAL A 57 -10.33 -4.61 25.35
N PRO A 58 -10.66 -3.58 26.14
CA PRO A 58 -11.55 -3.74 27.30
C PRO A 58 -13.00 -3.88 26.87
N ALA A 59 -13.88 -4.07 27.84
CA ALA A 59 -15.33 -4.07 27.60
C ALA A 59 -15.76 -2.74 27.02
N GLY A 60 -16.90 -2.72 26.32
CA GLY A 60 -17.44 -1.49 25.77
C GLY A 60 -17.52 -1.40 24.24
N GLY A 61 -16.99 -2.40 23.55
CA GLY A 61 -17.10 -2.45 22.10
C GLY A 61 -18.53 -2.74 21.69
N ARG A 62 -18.80 -2.66 20.39
CA ARG A 62 -20.09 -3.11 19.86
C ARG A 62 -19.83 -4.11 18.76
N LEU A 63 -20.61 -5.19 18.75
CA LEU A 63 -20.48 -6.23 17.72
C LEU A 63 -21.74 -6.40 16.88
N LEU A 64 -21.58 -6.37 15.56
CA LEU A 64 -22.67 -6.76 14.67
C LEU A 64 -22.38 -8.13 14.04
N GLN A 65 -23.12 -9.13 14.51
CA GLN A 65 -22.97 -10.50 14.04
C GLN A 65 -24.27 -10.99 13.40
N VAL A 66 -24.17 -11.54 12.19
CA VAL A 66 -25.31 -12.07 11.47
C VAL A 66 -24.92 -13.41 10.81
N GLY A 67 -25.62 -14.48 11.14
CA GLY A 67 -25.37 -15.78 10.52
C GLY A 67 -24.07 -16.49 10.87
N HIS A 68 -23.42 -16.05 11.94
CA HIS A 68 -22.14 -16.62 12.37
C HIS A 68 -22.37 -17.63 13.49
N ALA A 69 -23.40 -18.48 13.31
CA ALA A 69 -23.84 -19.39 14.36
C ALA A 69 -22.83 -20.49 14.68
N GLN A 70 -22.24 -20.40 15.87
CA GLN A 70 -21.39 -21.45 16.40
C GLN A 70 -21.91 -21.81 17.77
N PRO A 71 -22.94 -22.68 17.83
CA PRO A 71 -23.56 -23.06 19.11
C PRO A 71 -22.58 -23.74 20.08
N ILE A 72 -22.99 -23.86 21.34
CA ILE A 72 -22.17 -24.51 22.37
C ILE A 72 -23.06 -25.38 23.25
N ALA A 112 -29.50 -4.55 10.60
CA ALA A 112 -29.36 -3.72 9.42
C ALA A 112 -27.95 -3.84 8.85
N ALA A 113 -27.85 -4.25 7.60
CA ALA A 113 -26.57 -4.18 6.94
C ALA A 113 -26.47 -2.76 6.33
N HIS A 114 -27.05 -1.77 7.01
CA HIS A 114 -27.11 -0.38 6.52
C HIS A 114 -26.46 0.56 7.56
N PHE A 115 -25.78 1.59 7.08
CA PHE A 115 -25.32 2.64 7.99
C PHE A 115 -25.53 3.96 7.25
N PRO A 116 -26.76 4.49 7.35
CA PRO A 116 -27.14 5.57 6.42
C PRO A 116 -26.37 6.87 6.61
N LYS A 117 -26.27 7.65 5.53
CA LYS A 117 -25.58 8.94 5.54
C LYS A 117 -26.01 9.92 6.66
N PRO A 118 -27.33 10.08 6.90
CA PRO A 118 -27.72 10.93 8.03
C PRO A 118 -27.13 10.51 9.38
N TRP A 119 -26.80 9.23 9.56
CA TRP A 119 -26.13 8.81 10.79
C TRP A 119 -24.70 9.33 10.84
N LEU A 120 -23.98 9.25 9.72
CA LEU A 120 -22.60 9.68 9.68
C LEU A 120 -22.56 11.21 9.75
N ALA A 121 -23.56 11.85 9.15
CA ALA A 121 -23.68 13.29 9.12
C ALA A 121 -23.88 13.90 10.50
N ALA A 122 -24.34 13.11 11.47
CA ALA A 122 -24.46 13.58 12.84
C ALA A 122 -23.11 13.79 13.54
N LEU A 123 -22.02 13.44 12.86
CA LEU A 123 -20.72 13.37 13.53
C LEU A 123 -19.77 14.44 13.03
N SER A 124 -18.73 14.71 13.80
CA SER A 124 -17.59 15.48 13.28
C SER A 124 -16.99 14.70 12.13
N ASN A 125 -16.33 15.43 11.22
CA ASN A 125 -15.69 14.84 10.04
C ASN A 125 -14.65 13.79 10.40
N LYS A 126 -13.93 14.01 11.49
CA LYS A 126 -12.93 13.05 11.93
C LYS A 126 -13.57 11.72 12.38
N LEU A 127 -14.65 11.80 13.15
CA LEU A 127 -15.31 10.59 13.63
C LEU A 127 -15.98 9.85 12.49
N ALA A 128 -16.70 10.59 11.64
CA ALA A 128 -17.34 9.99 10.48
C ALA A 128 -16.30 9.24 9.64
N ARG A 129 -15.14 9.88 9.42
CA ARG A 129 -14.07 9.24 8.66
C ARG A 129 -13.54 7.96 9.32
N ARG A 130 -13.35 7.98 10.65
CA ARG A 130 -12.91 6.77 11.35
C ARG A 130 -13.90 5.63 11.12
N ILE A 131 -15.19 5.92 11.22
CA ILE A 131 -16.24 4.91 11.08
C ILE A 131 -16.32 4.38 9.65
N VAL A 132 -16.34 5.27 8.68
CA VAL A 132 -16.33 4.90 7.27
C VAL A 132 -15.11 4.04 6.91
N LEU A 133 -13.93 4.44 7.39
CA LEU A 133 -12.70 3.71 7.10
C LEU A 133 -12.73 2.34 7.76
N GLN A 134 -13.25 2.28 8.99
CA GLN A 134 -13.31 1.00 9.67
C GLN A 134 -14.25 0.04 8.96
N LEU A 135 -15.47 0.49 8.68
CA LEU A 135 -16.46 -0.34 7.99
C LEU A 135 -16.08 -0.72 6.55
N THR A 136 -15.40 0.18 5.83
CA THR A 136 -14.99 -0.18 4.46
C THR A 136 -13.79 -1.13 4.47
N THR A 137 -12.98 -1.04 5.53
CA THR A 137 -11.95 -2.06 5.80
C THR A 137 -12.61 -3.42 5.96
N TYR A 138 -13.79 -3.43 6.58
CA TYR A 138 -14.56 -4.66 6.78
C TYR A 138 -15.36 -5.03 5.53
N GLY A 139 -15.20 -4.28 4.44
CA GLY A 139 -15.86 -4.64 3.18
C GLY A 139 -17.26 -4.06 2.96
N TRP A 140 -17.66 -3.10 3.80
CA TRP A 140 -18.90 -2.38 3.53
C TRP A 140 -18.59 -1.47 2.35
N ILE A 141 -19.58 -1.12 1.55
CA ILE A 141 -19.32 -0.18 0.45
C ILE A 141 -20.11 1.12 0.61
N VAL A 142 -19.72 2.13 -0.16
CA VAL A 142 -20.45 3.38 -0.19
C VAL A 142 -21.47 3.33 -1.33
N SER A 143 -22.73 3.58 -1.01
CA SER A 143 -23.77 3.58 -2.04
C SER A 143 -23.77 4.91 -2.80
N GLU A 144 -24.55 4.99 -3.87
CA GLU A 144 -24.54 6.21 -4.68
C GLU A 144 -25.13 7.39 -3.88
N GLN A 145 -25.88 7.07 -2.83
CA GLN A 145 -26.48 8.10 -1.97
C GLN A 145 -25.57 8.45 -0.80
N GLY A 146 -24.43 7.78 -0.70
CA GLY A 146 -23.49 8.08 0.37
C GLY A 146 -23.72 7.32 1.66
N ASP A 147 -24.62 6.33 1.63
CA ASP A 147 -24.83 5.45 2.77
C ASP A 147 -23.76 4.35 2.76
N LEU A 148 -23.48 3.77 3.92
CA LEU A 148 -22.66 2.56 3.96
C LEU A 148 -23.56 1.33 3.89
N LEU A 149 -23.13 0.36 3.11
CA LEU A 149 -23.95 -0.82 2.87
C LEU A 149 -23.11 -2.10 2.89
N TRP A 150 -23.56 -3.10 3.65
CA TRP A 150 -22.96 -4.43 3.63
C TRP A 150 -23.86 -5.33 2.78
N GLU A 151 -23.29 -5.91 1.73
CA GLU A 151 -24.13 -6.65 0.78
C GLU A 151 -23.94 -8.16 0.84
N HIS A 152 -23.91 -8.71 2.04
CA HIS A 152 -23.75 -10.14 2.23
C HIS A 152 -24.69 -10.51 3.37
N GLU A 153 -24.87 -11.80 3.59
CA GLU A 153 -25.85 -12.28 4.56
C GLU A 153 -25.23 -12.74 5.87
N ARG A 154 -23.91 -12.81 5.91
CA ARG A 154 -23.22 -13.10 7.16
C ARG A 154 -22.15 -12.06 7.42
N GLN A 155 -21.93 -11.75 8.68
CA GLN A 155 -20.88 -10.81 9.07
C GLN A 155 -20.60 -10.93 10.55
N HIS A 156 -19.41 -10.49 10.93
CA HIS A 156 -19.01 -10.46 12.33
C HIS A 156 -18.11 -9.24 12.49
N HIS A 157 -18.74 -8.07 12.61
CA HIS A 157 -18.03 -6.79 12.58
C HIS A 157 -18.09 -6.02 13.90
N TYR A 158 -16.90 -5.71 14.43
CA TYR A 158 -16.76 -5.13 15.74
C TYR A 158 -16.13 -3.73 15.68
N LEU A 159 -16.61 -2.83 16.53
CA LEU A 159 -16.00 -1.52 16.69
C LEU A 159 -15.49 -1.43 18.13
N PRO A 160 -14.27 -0.91 18.32
CA PRO A 160 -13.59 -0.82 19.63
C PRO A 160 -14.25 0.15 20.61
N PRO A 161 -13.98 -0.04 21.93
CA PRO A 161 -14.55 0.82 22.98
C PRO A 161 -14.27 2.30 22.75
N ALA A 162 -13.08 2.62 22.23
CA ALA A 162 -12.66 4.00 22.00
C ALA A 162 -13.48 4.66 20.90
N LEU A 163 -13.86 3.89 19.89
CA LEU A 163 -14.68 4.41 18.82
C LEU A 163 -16.10 4.63 19.35
N ILE A 164 -16.62 3.65 20.09
CA ILE A 164 -17.97 3.74 20.65
C ILE A 164 -18.12 4.88 21.67
N GLU A 165 -17.12 5.03 22.53
CA GLU A 165 -17.08 6.16 23.45
C GLU A 165 -17.13 7.49 22.71
N ALA A 166 -16.41 7.56 21.59
CA ALA A 166 -16.42 8.76 20.76
C ALA A 166 -17.81 9.01 20.18
N ILE A 167 -18.47 7.93 19.78
CA ILE A 167 -19.84 8.03 19.27
C ILE A 167 -20.80 8.46 20.37
N GLU A 168 -20.72 7.81 21.53
CA GLU A 168 -21.56 8.13 22.69
C GLU A 168 -21.46 9.63 23.03
N LYS A 169 -20.23 10.17 23.04
CA LYS A 169 -20.01 11.60 23.29
C LYS A 169 -20.55 12.53 22.20
N GLU A 170 -20.38 12.19 20.92
CA GLU A 170 -20.91 13.02 19.84
C GLU A 170 -22.42 12.87 19.61
N SER A 171 -22.92 11.64 19.70
CA SER A 171 -24.32 11.36 19.37
C SER A 171 -24.83 10.12 20.11
N PRO A 172 -25.45 10.33 21.28
CA PRO A 172 -26.06 9.19 21.98
C PRO A 172 -27.18 8.57 21.14
N ALA A 173 -27.90 9.40 20.38
CA ALA A 173 -28.95 8.90 19.50
C ALA A 173 -28.40 7.94 18.45
N LEU A 174 -27.22 8.23 17.91
CA LEU A 174 -26.61 7.31 16.95
C LEU A 174 -26.29 5.96 17.59
N LEU A 175 -25.69 5.98 18.77
CA LEU A 175 -25.35 4.75 19.48
C LEU A 175 -26.60 3.90 19.73
N LYS A 176 -27.69 4.55 20.15
CA LYS A 176 -28.98 3.85 20.29
C LYS A 176 -29.48 3.31 18.96
N ASN A 177 -29.30 4.06 17.87
CA ASN A 177 -29.74 3.60 16.56
C ASN A 177 -28.99 2.32 16.16
N MET A 178 -27.68 2.31 16.44
CA MET A 178 -26.83 1.16 16.14
C MET A 178 -27.26 -0.06 16.94
N GLU A 179 -27.57 0.15 18.22
CA GLU A 179 -28.02 -0.93 19.09
C GLU A 179 -29.36 -1.47 18.66
N GLU A 180 -30.23 -0.58 18.18
CA GLU A 180 -31.51 -1.03 17.64
C GLU A 180 -31.30 -1.82 16.35
N ALA A 181 -30.26 -1.49 15.60
CA ALA A 181 -29.93 -2.21 14.37
C ALA A 181 -29.23 -3.54 14.64
N GLY A 182 -28.86 -3.80 15.90
CA GLY A 182 -28.24 -5.06 16.24
C GLY A 182 -26.78 -4.99 16.65
N TRP A 183 -26.26 -3.78 16.88
CA TRP A 183 -24.90 -3.64 17.40
C TRP A 183 -24.94 -3.86 18.93
N ILE A 184 -24.24 -4.89 19.40
CA ILE A 184 -24.41 -5.34 20.79
C ILE A 184 -23.16 -5.08 21.65
N ALA A 185 -23.39 -4.63 22.87
CA ALA A 185 -22.33 -4.40 23.86
C ALA A 185 -21.44 -5.64 24.04
N CYS A 186 -20.13 -5.42 24.07
CA CYS A 186 -19.19 -6.53 24.25
C CYS A 186 -18.37 -6.39 25.52
N ALA A 187 -17.90 -7.53 26.01
CA ALA A 187 -16.93 -7.56 27.09
C ALA A 187 -15.53 -7.51 26.52
N ALA A 188 -14.54 -7.60 27.40
CA ALA A 188 -13.13 -7.51 27.01
C ALA A 188 -12.74 -8.67 26.11
N GLY A 189 -11.70 -8.47 25.32
CA GLY A 189 -11.24 -9.51 24.42
C GLY A 189 -10.20 -9.01 23.46
N TYR A 190 -10.27 -9.53 22.23
CA TYR A 190 -9.26 -9.25 21.22
C TYR A 190 -9.88 -8.70 19.94
N TRP A 191 -9.24 -7.70 19.37
CA TRP A 191 -9.76 -6.98 18.21
C TRP A 191 -8.82 -7.06 17.02
N GLN A 192 -9.37 -7.38 15.86
CA GLN A 192 -8.63 -7.27 14.61
C GLN A 192 -8.89 -5.89 13.98
N ALA A 193 -7.99 -4.94 14.25
CA ALA A 193 -8.18 -3.58 13.74
C ALA A 193 -8.26 -3.46 12.21
N GLY A 194 -7.42 -4.21 11.52
CA GLY A 194 -7.30 -4.05 10.09
C GLY A 194 -6.34 -2.91 9.78
N LYS A 195 -5.46 -2.65 10.75
CA LYS A 195 -4.44 -1.62 10.64
C LYS A 195 -3.56 -1.90 9.44
N ALA A 196 -3.54 -0.99 8.48
CA ALA A 196 -2.84 -1.17 7.20
C ALA A 196 -3.33 -2.43 6.48
N ARG A 197 -4.61 -2.75 6.64
CA ARG A 197 -5.18 -3.91 5.97
C ARG A 197 -6.23 -3.48 4.97
N SER A 198 -6.51 -4.37 4.01
CA SER A 198 -7.55 -4.12 3.04
C SER A 198 -8.15 -5.44 2.63
N PRO A 199 -9.47 -5.47 2.40
CA PRO A 199 -10.11 -6.70 1.97
C PRO A 199 -9.90 -6.94 0.48
N TYR A 200 -9.27 -5.97 -0.19
CA TYR A 200 -8.99 -6.07 -1.62
C TYR A 200 -7.50 -6.23 -1.98
N LEU A 201 -6.64 -6.49 -0.99
CA LEU A 201 -5.23 -6.67 -1.29
C LEU A 201 -4.98 -8.01 -1.98
N PRO A 202 -4.40 -8.00 -3.19
CA PRO A 202 -4.10 -9.31 -3.82
C PRO A 202 -2.77 -9.86 -3.29
N ILE A 203 -2.76 -11.12 -2.86
CA ILE A 203 -1.55 -11.72 -2.30
C ILE A 203 -1.21 -13.10 -2.90
N THR A 204 -2.06 -13.54 -3.84
CA THR A 204 -1.88 -14.82 -4.54
C THR A 204 -1.70 -14.54 -6.03
N PRO A 205 -1.14 -15.50 -6.77
CA PRO A 205 -0.95 -15.30 -8.21
C PRO A 205 -2.24 -15.01 -8.98
N GLU A 206 -3.34 -15.67 -8.63
CA GLU A 206 -4.62 -15.40 -9.28
C GLU A 206 -5.10 -13.98 -8.98
N ALA A 207 -5.04 -13.57 -7.71
CA ALA A 207 -5.56 -12.26 -7.35
C ALA A 207 -4.69 -11.15 -7.93
N ILE A 208 -3.39 -11.40 -7.98
CA ILE A 208 -2.43 -10.42 -8.49
C ILE A 208 -2.54 -10.24 -10.01
N THR A 209 -2.77 -11.33 -10.72
CA THR A 209 -2.96 -11.30 -12.16
C THR A 209 -4.20 -10.48 -12.47
N GLU A 210 -5.29 -10.82 -11.79
CA GLU A 210 -6.55 -10.14 -11.96
C GLU A 210 -6.44 -8.64 -11.70
N GLU A 211 -5.84 -8.26 -10.56
CA GLU A 211 -5.68 -6.83 -10.24
C GLU A 211 -4.76 -6.13 -11.24
N THR A 212 -3.69 -6.82 -11.65
CA THR A 212 -2.80 -6.29 -12.68
C THR A 212 -3.59 -5.98 -13.96
N ILE A 213 -4.45 -6.92 -14.36
CA ILE A 213 -5.24 -6.74 -15.57
C ILE A 213 -6.23 -5.57 -15.42
N ARG A 214 -6.96 -5.53 -14.30
CA ARG A 214 -7.87 -4.42 -14.06
C ARG A 214 -7.16 -3.07 -14.02
N SER A 215 -5.97 -3.04 -13.43
CA SER A 215 -5.24 -1.78 -13.29
C SER A 215 -4.78 -1.31 -14.67
N MET A 216 -4.39 -2.22 -15.53
CA MET A 216 -4.06 -1.84 -16.90
C MET A 216 -5.26 -1.34 -17.69
N ARG A 217 -6.40 -2.02 -17.54
CA ARG A 217 -7.59 -1.62 -18.28
C ARG A 217 -8.15 -0.31 -17.76
N ALA A 218 -7.85 0.02 -16.51
CA ALA A 218 -8.20 1.33 -15.96
C ALA A 218 -7.24 2.46 -16.40
N GLY A 219 -6.13 2.12 -17.05
CA GLY A 219 -5.25 3.15 -17.59
C GLY A 219 -3.76 3.11 -17.30
N ALA A 220 -3.33 2.20 -16.43
CA ALA A 220 -1.92 2.07 -16.06
C ALA A 220 -1.08 1.46 -17.18
N ALA A 221 0.08 2.05 -17.46
CA ALA A 221 0.99 1.51 -18.46
C ALA A 221 2.00 0.51 -17.87
N VAL A 222 2.35 0.72 -16.60
CA VAL A 222 3.37 -0.10 -15.93
C VAL A 222 2.76 -0.64 -14.64
N VAL A 223 3.06 -1.91 -14.32
CA VAL A 223 2.57 -2.52 -13.09
C VAL A 223 3.77 -3.00 -12.26
N HIS A 224 3.92 -2.43 -11.07
CA HIS A 224 5.02 -2.77 -10.19
C HIS A 224 4.54 -3.84 -9.24
N LEU A 225 5.26 -4.97 -9.17
CA LEU A 225 4.80 -6.15 -8.43
C LEU A 225 5.68 -6.56 -7.24
N HIS A 226 5.01 -7.06 -6.20
CA HIS A 226 5.65 -7.79 -5.10
C HIS A 226 4.95 -9.14 -4.99
N THR A 227 5.63 -10.12 -4.40
CA THR A 227 4.95 -11.33 -3.95
C THR A 227 5.01 -11.47 -2.42
N ARG A 228 4.14 -12.33 -1.86
CA ARG A 228 4.09 -12.56 -0.42
C ARG A 228 4.25 -14.05 -0.10
N ASP A 229 4.96 -14.34 0.98
CA ASP A 229 5.09 -15.70 1.50
C ASP A 229 3.87 -16.02 2.36
N LEU A 230 3.05 -16.97 1.93
CA LEU A 230 1.84 -17.31 2.67
C LEU A 230 1.94 -18.66 3.39
N SER A 231 3.15 -19.17 3.59
CA SER A 231 3.28 -20.55 4.04
C SER A 231 3.02 -20.76 5.55
N ASP A 232 3.02 -19.69 6.33
CA ASP A 232 2.81 -19.80 7.78
C ASP A 232 1.35 -19.64 8.22
N ARG A 233 0.40 -19.85 7.31
CA ARG A 233 -1.00 -19.64 7.64
C ARG A 233 -1.59 -20.77 8.49
N ARG A 234 -2.18 -20.41 9.63
CA ARG A 234 -2.86 -21.37 10.49
C ARG A 234 -4.31 -20.95 10.71
N ARG A 235 -5.20 -21.93 10.74
CA ARG A 235 -6.57 -21.70 11.15
C ARG A 235 -6.70 -22.03 12.62
N ILE A 236 -7.11 -21.04 13.42
CA ILE A 236 -7.36 -21.23 14.83
C ILE A 236 -8.87 -21.31 15.06
N GLU A 237 -9.31 -22.43 15.60
CA GLU A 237 -10.74 -22.67 15.81
C GLU A 237 -11.14 -22.32 17.24
N ILE A 238 -12.11 -21.41 17.38
CA ILE A 238 -12.57 -21.03 18.71
C ILE A 238 -14.06 -21.30 18.87
N PRO A 239 -14.39 -22.19 19.83
CA PRO A 239 -15.78 -22.55 20.17
C PRO A 239 -16.64 -21.33 20.44
N GLY A 240 -17.82 -21.30 19.82
CA GLY A 240 -18.74 -20.20 20.00
C GLY A 240 -18.48 -19.08 19.02
N LEU A 241 -17.31 -19.11 18.40
CA LEU A 241 -16.87 -18.05 17.51
C LEU A 241 -16.68 -18.52 16.07
N GLY A 242 -15.91 -19.60 15.89
CA GLY A 242 -15.63 -20.10 14.56
C GLY A 242 -14.13 -20.16 14.31
N VAL A 243 -13.71 -19.78 13.10
CA VAL A 243 -12.32 -19.90 12.71
C VAL A 243 -11.68 -18.55 12.37
N VAL A 244 -10.50 -18.31 12.92
CA VAL A 244 -9.71 -17.12 12.58
C VAL A 244 -8.39 -17.57 11.95
N THR A 245 -8.04 -16.97 10.81
CA THR A 245 -6.83 -17.36 10.12
C THR A 245 -5.72 -16.36 10.39
N VAL A 246 -4.57 -16.86 10.81
CA VAL A 246 -3.41 -16.02 11.07
C VAL A 246 -2.29 -16.31 10.05
N GLY A 247 -1.37 -15.36 9.87
CA GLY A 247 -0.30 -15.52 8.89
C GLY A 247 0.39 -14.19 8.64
N SER A 248 1.70 -14.22 8.42
CA SER A 248 2.47 -12.98 8.34
C SER A 248 2.27 -12.21 7.03
N GLN A 249 1.97 -12.93 5.94
CA GLN A 249 1.88 -12.33 4.60
C GLN A 249 3.18 -11.57 4.30
N ARG A 250 4.30 -12.14 4.74
CA ARG A 250 5.60 -11.49 4.70
C ARG A 250 6.03 -11.13 3.28
N ASN A 251 6.55 -9.91 3.12
CA ASN A 251 7.13 -9.56 1.85
C ASN A 251 8.24 -10.54 1.55
N GLN A 252 8.24 -11.08 0.33
CA GLN A 252 9.23 -12.07 -0.07
C GLN A 252 9.13 -12.32 -1.59
N ILE A 253 10.27 -12.38 -2.27
CA ILE A 253 10.31 -12.82 -3.65
C ILE A 253 10.04 -14.33 -3.72
N VAL A 254 8.93 -14.71 -4.36
CA VAL A 254 8.56 -16.11 -4.43
C VAL A 254 8.62 -16.54 -5.88
N LEU A 255 9.59 -17.38 -6.22
CA LEU A 255 9.84 -17.69 -7.63
C LEU A 255 8.65 -18.40 -8.27
N ASP A 256 8.08 -19.37 -7.57
CA ASP A 256 6.94 -20.13 -8.12
C ASP A 256 5.76 -19.20 -8.43
N ASP A 257 5.59 -18.15 -7.62
CA ASP A 257 4.47 -17.23 -7.79
C ASP A 257 4.67 -16.44 -9.07
N TYR A 258 5.90 -16.01 -9.30
CA TYR A 258 6.21 -15.27 -10.52
C TYR A 258 6.15 -16.15 -11.77
N ASP A 259 6.60 -17.40 -11.67
CA ASP A 259 6.48 -18.36 -12.79
C ASP A 259 5.02 -18.51 -13.22
N ALA A 260 4.10 -18.30 -12.27
CA ALA A 260 2.67 -18.28 -12.61
C ALA A 260 2.22 -16.90 -13.10
N ILE A 261 2.47 -15.87 -12.30
CA ILE A 261 1.97 -14.51 -12.59
C ILE A 261 2.42 -13.96 -13.94
N VAL A 262 3.72 -14.10 -14.23
CA VAL A 262 4.27 -13.51 -15.43
C VAL A 262 3.60 -14.02 -16.74
N PRO A 263 3.52 -15.35 -16.95
CA PRO A 263 2.80 -15.83 -18.14
C PRO A 263 1.29 -15.58 -18.08
N MET A 264 0.69 -15.67 -16.90
CA MET A 264 -0.74 -15.41 -16.78
C MET A 264 -1.09 -13.98 -17.21
N VAL A 265 -0.32 -13.00 -16.76
CA VAL A 265 -0.58 -11.61 -17.15
C VAL A 265 -0.39 -11.41 -18.65
N LYS A 266 0.71 -11.92 -19.18
CA LYS A 266 1.08 -11.66 -20.57
C LYS A 266 0.16 -12.33 -21.59
N LYS A 267 -0.44 -13.45 -21.19
CA LYS A 267 -1.43 -14.12 -22.05
C LYS A 267 -2.67 -13.25 -22.31
N ARG A 268 -3.13 -12.55 -21.28
CA ARG A 268 -4.34 -11.70 -21.36
C ARG A 268 -4.01 -10.26 -21.77
N GLU A 269 -2.87 -9.76 -21.31
CA GLU A 269 -2.45 -8.40 -21.65
C GLU A 269 -0.98 -8.39 -22.03
N PRO A 270 -0.65 -8.87 -23.23
CA PRO A 270 0.76 -8.95 -23.62
C PRO A 270 1.47 -7.60 -23.62
N ALA A 271 0.72 -6.49 -23.67
CA ALA A 271 1.34 -5.17 -23.62
C ALA A 271 1.96 -4.84 -22.25
N ALA A 272 1.53 -5.56 -21.21
CA ALA A 272 1.93 -5.25 -19.83
C ALA A 272 3.43 -5.04 -19.64
N ILE A 273 3.78 -3.90 -19.05
CA ILE A 273 5.16 -3.61 -18.69
C ILE A 273 5.26 -3.97 -17.22
N LEU A 274 5.86 -5.14 -16.97
CA LEU A 274 6.01 -5.63 -15.60
C LEU A 274 7.27 -5.01 -14.99
N ASN A 275 7.14 -4.60 -13.72
CA ASN A 275 8.22 -3.96 -12.99
C ASN A 275 8.32 -4.74 -11.69
N LEU A 276 9.33 -5.59 -11.59
CA LEU A 276 9.38 -6.53 -10.47
C LEU A 276 10.21 -5.97 -9.33
N SER A 277 9.62 -5.99 -8.12
CA SER A 277 10.36 -5.59 -6.92
C SER A 277 11.48 -6.59 -6.62
N THR A 278 12.67 -6.04 -6.38
CA THR A 278 13.85 -6.81 -5.94
C THR A 278 14.15 -6.55 -4.47
N SER A 279 13.27 -5.82 -3.80
CA SER A 279 13.46 -5.46 -2.40
C SER A 279 13.36 -6.67 -1.49
N VAL A 280 14.12 -6.68 -0.39
CA VAL A 280 13.95 -7.73 0.61
C VAL A 280 13.53 -7.16 1.95
N ARG A 281 12.82 -6.03 1.90
CA ARG A 281 12.19 -5.42 3.06
C ARG A 281 11.51 -6.48 3.91
N GLY A 282 11.81 -6.49 5.21
CA GLY A 282 11.41 -7.58 6.08
C GLY A 282 12.52 -8.60 6.24
N ASP A 283 13.07 -9.06 5.11
CA ASP A 283 14.10 -10.10 5.10
C ASP A 283 15.51 -9.51 4.88
N ARG A 284 15.97 -8.70 5.82
CA ARG A 284 17.24 -7.99 5.67
C ARG A 284 18.49 -8.89 5.58
N HIS A 285 18.37 -10.17 5.96
CA HIS A 285 19.47 -11.13 5.81
C HIS A 285 19.67 -11.58 4.37
N GLY A 286 18.66 -11.36 3.53
CA GLY A 286 18.76 -11.75 2.13
C GLY A 286 19.35 -10.69 1.23
N ALA A 287 19.94 -9.65 1.80
CA ALA A 287 20.34 -8.45 1.04
C ALA A 287 21.39 -8.68 -0.04
N ARG A 288 22.17 -9.76 0.06
CA ARG A 288 23.19 -10.07 -0.96
C ARG A 288 22.73 -11.19 -1.90
N SER A 289 21.63 -11.82 -1.55
CA SER A 289 21.22 -13.10 -2.15
C SER A 289 20.95 -13.03 -3.67
N LYS A 290 21.31 -14.10 -4.39
CA LYS A 290 20.98 -14.25 -5.81
C LYS A 290 19.47 -14.22 -6.02
N LEU A 291 18.72 -14.51 -4.97
CA LEU A 291 17.26 -14.50 -5.06
C LEU A 291 16.76 -13.13 -5.56
N ARG A 292 17.47 -12.07 -5.22
CA ARG A 292 17.05 -10.71 -5.60
C ARG A 292 17.19 -10.43 -7.09
N ARG A 293 17.71 -11.39 -7.84
CA ARG A 293 17.67 -11.32 -9.30
C ARG A 293 17.17 -12.61 -9.98
N ALA A 294 16.79 -13.61 -9.19
CA ALA A 294 16.41 -14.89 -9.79
C ALA A 294 15.06 -14.84 -10.51
N HIS A 295 14.21 -13.87 -10.14
CA HIS A 295 12.91 -13.70 -10.79
C HIS A 295 13.05 -12.87 -12.07
N LEU A 296 14.25 -12.36 -12.29
CA LEU A 296 14.54 -11.52 -13.45
C LEU A 296 15.23 -12.39 -14.49
N LYS A 297 14.49 -13.33 -15.04
CA LYS A 297 15.05 -14.29 -15.99
C LYS A 297 14.26 -14.21 -17.29
N PHE A 298 14.77 -14.87 -18.31
CA PHE A 298 14.01 -15.03 -19.53
C PHE A 298 12.86 -15.99 -19.23
N TYR A 299 11.61 -15.55 -19.38
CA TYR A 299 10.47 -16.44 -19.19
C TYR A 299 10.08 -17.06 -20.52
N ASP A 300 10.30 -18.36 -20.63
CA ASP A 300 10.08 -19.12 -21.87
C ASP A 300 8.68 -18.92 -22.44
N ASP A 301 7.67 -19.02 -21.57
CA ASP A 301 6.27 -18.89 -22.00
C ASP A 301 5.97 -17.51 -22.57
N VAL A 302 6.88 -16.57 -22.34
CA VAL A 302 6.60 -15.16 -22.57
C VAL A 302 7.52 -14.55 -23.63
N GLY A 303 8.64 -15.24 -23.87
CA GLY A 303 9.61 -14.79 -24.86
C GLY A 303 10.39 -13.55 -24.43
N SER A 304 10.41 -13.27 -23.13
CA SER A 304 11.10 -12.07 -22.65
C SER A 304 11.46 -12.17 -21.18
N ALA A 305 12.41 -11.35 -20.74
CA ALA A 305 12.63 -11.13 -19.32
C ALA A 305 11.66 -10.03 -18.89
N PRO A 306 11.49 -9.82 -17.57
CA PRO A 306 10.60 -8.71 -17.21
C PRO A 306 11.16 -7.40 -17.73
N GLU A 307 10.29 -6.48 -18.15
CA GLU A 307 10.76 -5.25 -18.77
C GLU A 307 11.58 -4.42 -17.79
N VAL A 308 11.08 -4.29 -16.56
CA VAL A 308 11.63 -3.39 -15.55
C VAL A 308 11.83 -4.11 -14.19
N ALA A 309 12.83 -3.68 -13.42
CA ALA A 309 12.98 -4.13 -12.04
C ALA A 309 13.55 -3.00 -11.15
N SER A 310 13.13 -2.97 -9.90
CA SER A 310 13.59 -1.91 -9.01
C SER A 310 15.06 -2.08 -8.68
N LEU A 311 15.73 -0.95 -8.51
CA LEU A 311 17.13 -0.93 -8.15
C LEU A 311 17.39 0.32 -7.28
N SER A 312 17.94 0.07 -6.09
CA SER A 312 18.23 1.12 -5.13
C SER A 312 19.73 1.15 -4.84
N PRO A 313 20.47 2.13 -5.39
CA PRO A 313 21.94 2.13 -5.32
C PRO A 313 22.52 2.58 -3.96
N ALA A 314 21.89 2.16 -2.86
CA ALA A 314 22.39 2.42 -1.50
C ALA A 314 21.50 1.73 -0.49
N ALA A 315 21.99 1.60 0.75
CA ALA A 315 21.17 1.06 1.84
C ALA A 315 19.88 1.86 1.96
N VAL A 316 18.78 1.16 2.20
CA VAL A 316 17.51 1.82 2.41
C VAL A 316 17.15 1.60 3.87
N VAL A 317 17.13 2.68 4.65
CA VAL A 317 16.99 2.59 6.09
C VAL A 317 15.74 3.36 6.51
N PHE A 318 14.59 2.69 6.53
CA PHE A 318 13.34 3.37 6.88
C PHE A 318 13.43 3.91 8.30
N GLN A 319 12.99 5.15 8.51
CA GLN A 319 12.90 5.65 9.88
C GLN A 319 11.91 4.79 10.66
N GLY A 320 10.89 4.29 9.96
CA GLY A 320 9.91 3.41 10.58
C GLY A 320 10.45 2.04 10.94
N GLY A 321 11.67 1.72 10.49
CA GLY A 321 12.28 0.43 10.72
C GLY A 321 12.08 -0.55 9.57
N GLY A 322 12.88 -1.61 9.54
CA GLY A 322 12.68 -2.69 8.58
C GLY A 322 13.32 -2.60 7.20
N GLY A 323 14.35 -1.75 7.06
CA GLY A 323 14.98 -1.57 5.75
C GLY A 323 15.93 -2.67 5.30
N TYR A 324 16.74 -2.38 4.28
CA TYR A 324 17.59 -3.40 3.69
C TYR A 324 18.80 -2.81 2.97
N ASP A 325 19.92 -3.53 3.01
CA ASP A 325 21.15 -3.04 2.39
C ASP A 325 21.12 -3.26 0.88
N ASN A 326 21.90 -2.46 0.17
CA ASN A 326 22.23 -2.69 -1.24
C ASN A 326 23.69 -2.33 -1.41
N ALA A 327 24.55 -3.33 -1.27
CA ALA A 327 26.00 -3.11 -1.26
C ALA A 327 26.59 -2.97 -2.66
N PRO A 328 27.75 -2.30 -2.77
CA PRO A 328 28.41 -2.11 -4.06
C PRO A 328 28.65 -3.41 -4.85
N ASP A 329 29.08 -4.49 -4.20
CA ASP A 329 29.32 -5.75 -4.92
C ASP A 329 28.01 -6.42 -5.35
N PHE A 330 26.98 -6.32 -4.50
CA PHE A 330 25.64 -6.77 -4.88
C PHE A 330 25.11 -6.00 -6.09
N LEU A 331 25.27 -4.67 -6.07
CA LEU A 331 24.75 -3.81 -7.13
C LEU A 331 25.43 -4.06 -8.44
N ASP A 332 26.73 -4.33 -8.38
CA ASP A 332 27.51 -4.67 -9.56
C ASP A 332 26.93 -5.93 -10.19
N ALA A 333 26.61 -6.93 -9.36
CA ALA A 333 26.01 -8.16 -9.87
C ALA A 333 24.60 -7.93 -10.43
N GLN A 334 23.81 -7.07 -9.78
CA GLN A 334 22.47 -6.74 -10.31
C GLN A 334 22.56 -6.08 -11.69
N PHE A 335 23.40 -5.06 -11.82
CA PHE A 335 23.60 -4.38 -13.09
C PHE A 335 24.08 -5.31 -14.21
N ASP A 336 25.06 -6.16 -13.91
CA ASP A 336 25.53 -7.13 -14.90
C ASP A 336 24.35 -7.98 -15.35
N HIS A 337 23.53 -8.40 -14.40
CA HIS A 337 22.43 -9.30 -14.73
C HIS A 337 21.29 -8.61 -15.52
N PHE A 338 20.91 -7.39 -15.13
CA PHE A 338 19.87 -6.65 -15.84
C PHE A 338 20.27 -6.46 -17.30
N GLU A 339 21.54 -6.11 -17.50
CA GLU A 339 22.06 -5.81 -18.83
C GLU A 339 22.03 -7.08 -19.66
N ARG A 340 22.41 -8.20 -19.05
CA ARG A 340 22.36 -9.50 -19.72
C ARG A 340 20.95 -9.92 -20.18
N VAL A 341 19.98 -9.91 -19.27
CA VAL A 341 18.65 -10.44 -19.60
C VAL A 341 17.73 -9.41 -20.26
N GLY A 342 18.18 -8.16 -20.35
CA GLY A 342 17.41 -7.12 -21.02
C GLY A 342 16.38 -6.42 -20.15
N THR A 343 16.64 -6.35 -18.85
CA THR A 343 15.74 -5.65 -17.91
C THR A 343 16.23 -4.22 -17.60
N ARG A 344 15.32 -3.24 -17.69
CA ARG A 344 15.64 -1.84 -17.40
C ARG A 344 15.45 -1.59 -15.90
N PRO A 345 16.50 -1.11 -15.23
CA PRO A 345 16.28 -0.76 -13.82
C PRO A 345 15.33 0.42 -13.69
N GLU A 346 14.51 0.39 -12.64
CA GLU A 346 13.85 1.59 -12.16
C GLU A 346 14.58 2.00 -10.89
N VAL A 347 15.31 3.11 -10.96
CA VAL A 347 16.03 3.61 -9.79
C VAL A 347 15.01 4.09 -8.74
N GLU A 348 14.96 3.41 -7.59
CA GLU A 348 14.07 3.85 -6.51
C GLU A 348 14.77 4.89 -5.65
N VAL A 349 14.34 6.14 -5.80
CA VAL A 349 15.02 7.21 -5.09
C VAL A 349 14.41 7.33 -3.71
N PHE A 350 14.96 6.58 -2.77
CA PHE A 350 14.45 6.58 -1.41
C PHE A 350 15.06 7.74 -0.65
N ASN A 351 16.28 8.14 -1.04
CA ASN A 351 17.05 9.04 -0.20
C ASN A 351 18.13 9.81 -0.94
N HIS A 352 18.80 10.72 -0.24
CA HIS A 352 19.80 11.57 -0.89
C HIS A 352 21.04 10.78 -1.25
N ALA A 353 21.35 9.77 -0.45
CA ALA A 353 22.47 8.88 -0.77
C ALA A 353 22.29 8.32 -2.18
N ILE A 354 21.05 7.93 -2.50
CA ILE A 354 20.76 7.33 -3.80
C ILE A 354 20.85 8.36 -4.93
N VAL A 355 20.34 9.57 -4.70
CA VAL A 355 20.50 10.66 -5.67
C VAL A 355 21.99 10.88 -5.94
N ASP A 356 22.76 10.96 -4.88
CA ASP A 356 24.19 11.18 -4.98
C ASP A 356 24.88 10.03 -5.72
N ASN A 357 24.61 8.80 -5.31
CA ASN A 357 25.23 7.62 -5.93
C ASN A 357 24.86 7.44 -7.41
N ALA A 358 23.59 7.68 -7.74
CA ALA A 358 23.13 7.43 -9.10
C ALA A 358 23.75 8.41 -10.07
N THR A 359 23.95 9.64 -9.60
CA THR A 359 24.41 10.73 -10.47
C THR A 359 25.94 10.81 -10.52
N SER A 360 26.62 10.01 -9.70
CA SER A 360 28.08 9.95 -9.77
C SER A 360 28.57 8.54 -10.12
N LEU A 361 28.90 7.74 -9.12
CA LEU A 361 29.50 6.41 -9.35
C LEU A 361 28.72 5.49 -10.31
N TYR A 362 27.40 5.40 -10.15
CA TYR A 362 26.61 4.42 -10.92
C TYR A 362 26.07 4.99 -12.23
N ARG A 363 26.43 6.24 -12.53
CA ARG A 363 25.90 6.92 -13.71
C ARG A 363 26.12 6.15 -15.03
N ASP A 364 27.35 5.73 -15.29
CA ASP A 364 27.66 5.00 -16.52
C ASP A 364 26.93 3.67 -16.59
N ARG A 365 26.82 2.99 -15.45
CA ARG A 365 26.12 1.71 -15.39
C ARG A 365 24.66 1.94 -15.74
N LEU A 366 24.09 3.03 -15.23
CA LEU A 366 22.69 3.33 -15.50
C LEU A 366 22.48 3.66 -16.98
N LEU A 367 23.42 4.38 -17.59
CA LEU A 367 23.34 4.69 -19.02
C LEU A 367 23.43 3.42 -19.87
N ARG A 368 24.27 2.47 -19.45
CA ARG A 368 24.45 1.22 -20.17
C ARG A 368 23.19 0.35 -20.20
N THR A 369 22.37 0.44 -19.17
CA THR A 369 21.23 -0.46 -19.04
C THR A 369 20.06 0.04 -19.87
N GLY A 370 20.25 1.18 -20.52
CA GLY A 370 19.27 1.67 -21.48
C GLY A 370 18.71 3.05 -21.16
N LYS A 371 18.54 3.85 -22.21
CA LYS A 371 17.94 5.17 -22.08
C LYS A 371 16.53 5.13 -22.66
N PRO A 372 15.60 5.93 -22.09
CA PRO A 372 15.77 6.82 -20.93
C PRO A 372 16.01 6.04 -19.64
N VAL A 373 16.78 6.64 -18.73
CA VAL A 373 16.96 6.07 -17.40
C VAL A 373 15.72 6.36 -16.57
N LEU A 374 15.22 5.35 -15.87
CA LEU A 374 13.97 5.48 -15.12
C LEU A 374 14.17 5.74 -13.63
N PHE A 375 13.38 6.64 -13.07
CA PHE A 375 13.51 6.99 -11.65
C PHE A 375 12.13 7.04 -11.01
N MET A 376 12.06 6.63 -9.75
CA MET A 376 10.81 6.76 -9.01
C MET A 376 11.14 7.50 -7.73
N LEU A 377 10.55 8.67 -7.53
CA LEU A 377 10.79 9.44 -6.31
C LEU A 377 9.93 8.86 -5.19
N VAL A 378 10.57 8.25 -4.18
CA VAL A 378 9.82 7.71 -3.06
C VAL A 378 9.60 8.82 -2.05
N ALA A 379 8.75 9.78 -2.43
CA ALA A 379 8.55 10.98 -1.61
C ALA A 379 7.67 10.68 -0.40
N GLY A 380 7.91 11.40 0.70
CA GLY A 380 7.04 11.33 1.87
C GLY A 380 7.32 10.20 2.85
N VAL A 381 8.25 9.32 2.52
CA VAL A 381 8.61 8.21 3.42
C VAL A 381 9.92 8.58 4.13
N ASP A 382 9.87 8.77 5.45
CA ASP A 382 11.06 9.22 6.20
C ASP A 382 12.20 8.19 6.16
N GLN A 383 13.42 8.68 5.91
CA GLN A 383 14.60 7.84 5.75
C GLN A 383 15.77 8.29 6.62
N TYR A 384 16.57 7.33 7.06
CA TYR A 384 17.83 7.63 7.74
C TYR A 384 19.01 7.42 6.79
N ARG A 385 20.12 8.05 7.12
CA ARG A 385 21.41 7.59 6.64
C ARG A 385 22.20 7.18 7.87
N ARG A 386 22.87 6.03 7.81
CA ARG A 386 23.66 5.61 8.97
C ARG A 386 25.16 5.86 8.79
N ASP A 387 25.77 6.52 9.76
CA ASP A 387 27.21 6.74 9.79
C ASP A 387 27.86 5.37 10.12
N PRO A 388 28.65 4.82 9.20
CA PRO A 388 29.23 3.49 9.44
C PRO A 388 30.28 3.47 10.55
N ILE A 389 30.88 4.63 10.86
CA ILE A 389 31.94 4.70 11.86
C ILE A 389 31.38 4.79 13.29
N THR A 390 30.41 5.67 13.50
CA THR A 390 29.79 5.84 14.81
C THR A 390 28.50 5.05 14.96
N GLY A 391 27.83 4.73 13.86
CA GLY A 391 26.57 4.00 13.93
C GLY A 391 25.36 4.91 14.14
N GLU A 392 25.61 6.23 14.19
CA GLU A 392 24.51 7.17 14.37
C GLU A 392 23.70 7.31 13.08
N VAL A 393 22.44 7.72 13.21
CA VAL A 393 21.61 7.95 12.02
C VAL A 393 21.27 9.41 11.91
N GLU A 394 21.05 9.88 10.69
CA GLU A 394 20.50 11.21 10.51
C GLU A 394 19.47 11.18 9.38
N ASP A 395 18.60 12.18 9.36
CA ASP A 395 17.58 12.30 8.34
C ASP A 395 18.21 12.28 6.94
N ASP A 396 17.71 11.43 6.06
CA ASP A 396 18.16 11.44 4.65
C ASP A 396 16.99 11.39 3.66
N SER A 397 15.79 11.74 4.15
CA SER A 397 14.57 11.77 3.35
C SER A 397 14.61 12.77 2.19
N LEU A 398 13.90 12.45 1.10
CA LEU A 398 13.76 13.37 -0.02
C LEU A 398 12.99 14.61 0.41
N ILE A 399 11.91 14.42 1.16
CA ILE A 399 11.24 15.52 1.82
C ILE A 399 11.69 15.46 3.27
N ALA A 400 12.50 16.43 3.71
CA ALA A 400 13.07 16.43 5.07
C ALA A 400 11.98 16.14 6.08
N ARG A 401 12.28 15.29 7.08
CA ARG A 401 11.25 14.88 8.01
C ARG A 401 10.46 16.06 8.61
N VAL A 402 11.17 17.10 9.06
CA VAL A 402 10.50 18.27 9.65
C VAL A 402 9.43 18.86 8.70
N VAL A 403 9.80 18.96 7.43
CA VAL A 403 8.91 19.48 6.39
C VAL A 403 7.82 18.47 6.07
N ARG A 404 8.14 17.18 6.12
CA ARG A 404 7.12 16.16 5.90
C ARG A 404 6.09 16.20 7.03
N GLU A 405 6.58 16.35 8.26
CA GLU A 405 5.71 16.49 9.42
C GLU A 405 4.80 17.72 9.28
N GLU A 406 5.35 18.83 8.78
CA GLU A 406 4.56 20.03 8.53
C GLU A 406 3.51 19.80 7.44
N ILE A 407 3.91 19.14 6.36
CA ILE A 407 3.00 18.78 5.29
C ILE A 407 1.84 17.93 5.81
N SER A 408 2.15 16.94 6.65
CA SER A 408 1.14 16.05 7.20
C SER A 408 0.13 16.80 8.06
N SER A 409 0.59 17.80 8.82
CA SER A 409 -0.33 18.58 9.64
C SER A 409 -1.20 19.51 8.78
N LEU A 410 -0.62 20.09 7.72
CA LEU A 410 -1.38 20.91 6.76
C LEU A 410 -2.51 20.13 6.12
N LEU A 411 -2.24 18.87 5.77
CA LEU A 411 -3.25 18.01 5.15
C LEU A 411 -4.38 17.73 6.14
N ALA A 412 -4.10 17.88 7.43
CA ALA A 412 -5.11 17.64 8.45
C ALA A 412 -5.93 18.89 8.80
N ASP A 413 -5.57 20.05 8.25
CA ASP A 413 -6.42 21.24 8.34
C ASP A 413 -7.52 21.10 7.31
N GLU A 414 -7.20 20.38 6.24
CA GLU A 414 -8.16 20.04 5.20
C GLU A 414 -8.84 21.28 4.63
N SER A 415 -8.08 22.36 4.48
CA SER A 415 -8.53 23.55 3.78
C SER A 415 -7.72 23.69 2.50
N ALA A 416 -8.29 24.37 1.50
CA ALA A 416 -7.62 24.59 0.24
C ALA A 416 -6.34 25.41 0.44
N ASP A 417 -6.40 26.39 1.33
CA ASP A 417 -5.25 27.22 1.67
C ASP A 417 -4.08 26.34 2.17
N SER A 418 -4.40 25.50 3.16
CA SER A 418 -3.43 24.56 3.69
C SER A 418 -2.92 23.63 2.59
N HIS A 419 -3.84 23.19 1.73
CA HIS A 419 -3.47 22.27 0.67
C HIS A 419 -2.46 22.89 -0.30
N ARG A 420 -2.64 24.17 -0.64
CA ARG A 420 -1.69 24.90 -1.47
C ARG A 420 -0.32 24.93 -0.78
N ARG A 421 -0.30 25.32 0.50
CA ARG A 421 0.89 25.28 1.32
C ARG A 421 1.60 23.92 1.26
N ALA A 422 0.83 22.85 1.43
CA ALA A 422 1.40 21.49 1.39
C ALA A 422 2.09 21.23 0.05
N VAL A 423 1.42 21.60 -1.04
CA VAL A 423 1.97 21.43 -2.37
C VAL A 423 3.29 22.19 -2.56
N GLU A 424 3.27 23.47 -2.20
CA GLU A 424 4.46 24.33 -2.19
C GLU A 424 5.64 23.64 -1.54
N LEU A 425 5.42 23.15 -0.32
CA LEU A 425 6.46 22.57 0.50
C LEU A 425 7.06 21.31 -0.15
N ALA A 426 6.20 20.42 -0.62
CA ALA A 426 6.62 19.21 -1.32
C ALA A 426 7.44 19.52 -2.57
N ILE A 427 6.93 20.43 -3.39
CA ILE A 427 7.65 20.82 -4.60
C ILE A 427 8.99 21.43 -4.22
N GLY A 428 9.00 22.27 -3.19
CA GLY A 428 10.22 22.94 -2.77
C GLY A 428 11.30 21.96 -2.33
N GLN A 429 10.90 20.91 -1.62
CA GLN A 429 11.85 19.90 -1.20
C GLN A 429 12.36 19.08 -2.39
N LEU A 430 11.45 18.73 -3.30
CA LEU A 430 11.77 17.77 -4.35
C LEU A 430 12.44 18.39 -5.55
N ARG A 431 12.20 19.68 -5.75
CA ARG A 431 12.73 20.38 -6.92
C ARG A 431 14.23 20.19 -7.18
N PRO A 432 15.09 20.45 -6.16
CA PRO A 432 16.54 20.29 -6.41
C PRO A 432 16.93 18.86 -6.78
N VAL A 433 16.26 17.88 -6.17
CA VAL A 433 16.46 16.47 -6.51
C VAL A 433 16.10 16.22 -7.98
N VAL A 434 14.94 16.71 -8.41
CA VAL A 434 14.53 16.53 -9.80
C VAL A 434 15.52 17.21 -10.74
N GLU A 435 15.89 18.45 -10.42
CA GLU A 435 16.87 19.18 -11.22
C GLU A 435 18.20 18.43 -11.35
N ARG A 436 18.70 17.93 -10.22
CA ARG A 436 19.95 17.18 -10.19
C ARG A 436 19.88 15.95 -11.11
N LEU A 437 18.80 15.17 -10.95
CA LEU A 437 18.56 14.01 -11.82
C LEU A 437 18.48 14.38 -13.30
N ARG A 438 17.74 15.45 -13.63
CA ARG A 438 17.64 15.91 -15.02
C ARG A 438 18.99 16.29 -15.58
N ALA A 439 19.78 16.99 -14.78
CA ALA A 439 21.09 17.50 -15.20
C ALA A 439 22.05 16.35 -15.51
N SER A 440 21.97 15.31 -14.71
CA SER A 440 22.89 14.19 -14.83
C SER A 440 22.41 13.17 -15.88
N PHE A 441 21.10 13.09 -16.07
CA PHE A 441 20.49 12.21 -17.06
C PHE A 441 19.48 12.98 -17.93
N PRO A 442 19.94 13.64 -19.01
CA PRO A 442 19.04 14.42 -19.88
C PRO A 442 18.00 13.57 -20.59
N VAL A 443 18.31 12.30 -20.81
CA VAL A 443 17.35 11.34 -21.33
C VAL A 443 16.84 10.46 -20.16
N SER A 444 15.76 10.90 -19.53
CA SER A 444 15.27 10.19 -18.36
C SER A 444 13.76 10.37 -18.17
N LYS A 445 13.14 9.44 -17.45
CA LYS A 445 11.75 9.57 -17.06
C LYS A 445 11.69 9.47 -15.56
N ILE A 446 11.03 10.42 -14.92
CA ILE A 446 10.93 10.44 -13.45
C ILE A 446 9.48 10.36 -13.04
N SER A 447 9.17 9.43 -12.13
CA SER A 447 7.82 9.34 -11.57
C SER A 447 7.81 9.66 -10.08
N ILE A 448 6.62 9.81 -9.51
CA ILE A 448 6.48 10.04 -8.08
C ILE A 448 5.44 9.13 -7.44
N LEU A 449 5.73 8.69 -6.21
CA LEU A 449 4.75 8.03 -5.37
C LEU A 449 4.65 8.85 -4.09
N LEU A 450 3.56 8.65 -3.35
CA LEU A 450 3.41 9.24 -2.03
C LEU A 450 2.63 8.27 -1.15
N PRO A 451 2.94 8.23 0.14
CA PRO A 451 2.23 7.37 1.09
C PRO A 451 0.78 7.84 1.31
N GLY A 452 -0.15 6.89 1.44
CA GLY A 452 -1.59 7.13 1.52
C GLY A 452 -2.17 8.51 1.80
N PRO A 453 -2.06 8.97 3.06
CA PRO A 453 -2.61 10.26 3.49
C PRO A 453 -1.94 11.45 2.85
N MET A 454 -1.11 11.26 1.82
CA MET A 454 -0.41 12.36 1.14
C MET A 454 -0.69 12.34 -0.36
N GLN A 455 -1.43 11.32 -0.81
CA GLN A 455 -1.73 11.16 -2.24
C GLN A 455 -2.66 12.24 -2.82
N ASN A 456 -3.21 13.10 -1.97
CA ASN A 456 -3.94 14.28 -2.46
C ASN A 456 -3.02 15.28 -3.14
N LEU A 457 -1.71 15.04 -3.05
CA LEU A 457 -0.70 15.97 -3.51
C LEU A 457 -0.16 15.49 -4.84
N LEU A 458 -0.45 14.24 -5.18
CA LEU A 458 0.23 13.57 -6.30
C LEU A 458 0.20 14.36 -7.59
N VAL A 459 -1.00 14.66 -8.08
CA VAL A 459 -1.15 15.32 -9.37
C VAL A 459 -0.53 16.72 -9.38
N ASP A 460 -0.86 17.53 -8.38
CA ASP A 460 -0.30 18.89 -8.26
C ASP A 460 1.23 18.89 -8.20
N VAL A 461 1.81 18.02 -7.36
CA VAL A 461 3.26 17.93 -7.24
C VAL A 461 3.91 17.42 -8.53
N ALA A 462 3.34 16.38 -9.14
CA ALA A 462 3.88 15.84 -10.38
C ALA A 462 3.84 16.85 -11.53
N LEU A 463 2.72 17.56 -11.67
CA LEU A 463 2.63 18.56 -12.73
C LEU A 463 3.54 19.75 -12.42
N GLY A 464 3.55 20.17 -11.15
CA GLY A 464 4.38 21.27 -10.70
C GLY A 464 5.86 21.02 -10.96
N LEU A 465 6.28 19.76 -10.85
CA LEU A 465 7.69 19.38 -11.08
C LEU A 465 7.99 18.96 -12.51
N GLY A 466 6.97 18.91 -13.37
CA GLY A 466 7.15 18.40 -14.72
C GLY A 466 7.52 16.91 -14.76
N LEU A 467 7.04 16.13 -13.81
CA LEU A 467 7.38 14.71 -13.81
C LEU A 467 6.74 13.96 -15.00
N ASP A 468 7.30 12.80 -15.35
CA ASP A 468 6.83 12.03 -16.50
C ASP A 468 5.74 11.02 -16.16
N GLY A 469 5.48 10.81 -14.87
CA GLY A 469 4.57 9.75 -14.47
C GLY A 469 4.21 9.77 -13.00
N ILE A 470 3.12 9.09 -12.69
CA ILE A 470 2.59 9.05 -11.34
C ILE A 470 2.29 7.58 -10.97
N ARG A 471 2.56 7.23 -9.73
CA ARG A 471 2.33 5.88 -9.25
C ARG A 471 1.28 5.90 -8.14
N VAL A 472 0.34 4.97 -8.22
CA VAL A 472 -0.68 4.80 -7.19
C VAL A 472 -0.79 3.32 -6.94
N GLY A 473 -1.57 2.93 -5.94
CA GLY A 473 -1.76 1.53 -5.60
C GLY A 473 -1.79 1.23 -4.11
N LEU A 474 -2.36 0.07 -3.77
CA LEU A 474 -2.49 -0.37 -2.39
C LEU A 474 -1.16 -0.53 -1.71
N GLU A 475 -0.11 -0.67 -2.51
CA GLU A 475 1.25 -0.73 -1.96
C GLU A 475 1.55 0.55 -1.18
N ASP A 476 1.10 1.70 -1.69
CA ASP A 476 1.44 3.01 -1.12
C ASP A 476 0.33 3.62 -0.27
N GLY A 477 -0.92 3.37 -0.68
CA GLY A 477 -2.09 3.90 0.02
C GLY A 477 -3.31 3.02 -0.21
N LEU A 478 -4.18 2.95 0.79
CA LEU A 478 -5.31 2.02 0.76
C LEU A 478 -6.66 2.69 0.51
N THR A 479 -6.67 4.03 0.46
CA THR A 479 -7.91 4.81 0.40
C THR A 479 -8.12 5.52 -0.93
N VAL A 480 -9.33 6.03 -1.13
CA VAL A 480 -9.64 7.00 -2.19
C VAL A 480 -10.54 8.07 -1.59
N ASN A 481 -10.59 9.24 -2.22
CA ASN A 481 -11.59 10.23 -1.87
C ASN A 481 -12.94 9.83 -2.48
N ASP A 482 -14.00 10.10 -1.74
CA ASP A 482 -15.36 9.85 -2.21
C ASP A 482 -16.22 10.96 -1.62
N ALA A 483 -16.59 11.93 -2.44
CA ALA A 483 -17.35 13.09 -1.98
C ALA A 483 -18.76 12.74 -1.49
N ARG A 484 -19.29 11.59 -1.93
CA ARG A 484 -20.65 11.18 -1.58
C ARG A 484 -20.80 10.84 -0.10
N VAL A 485 -19.71 10.44 0.55
CA VAL A 485 -19.80 9.92 1.90
C VAL A 485 -19.27 10.94 2.91
N PRO A 486 -19.93 11.10 4.06
CA PRO A 486 -19.38 12.05 5.04
C PRO A 486 -17.97 11.67 5.46
N GLY A 487 -17.12 12.67 5.66
CA GLY A 487 -15.70 12.46 5.91
C GLY A 487 -14.92 12.44 4.61
N GLY A 488 -15.60 12.15 3.50
CA GLY A 488 -15.01 12.18 2.17
C GLY A 488 -13.90 11.19 1.84
N VAL A 489 -13.66 10.21 2.71
CA VAL A 489 -12.59 9.22 2.48
C VAL A 489 -13.09 7.78 2.76
N ARG A 490 -12.68 6.82 1.93
CA ARG A 490 -12.99 5.39 2.17
C ARG A 490 -11.90 4.48 1.64
N LYS A 491 -11.94 3.21 2.04
CA LYS A 491 -11.02 2.21 1.47
C LYS A 491 -11.27 2.07 -0.02
N ALA A 492 -10.18 2.13 -0.79
CA ALA A 492 -10.22 1.88 -2.23
C ALA A 492 -10.75 0.47 -2.47
N ARG A 493 -11.48 0.29 -3.56
CA ARG A 493 -11.96 -1.03 -3.95
C ARG A 493 -10.85 -1.85 -4.62
N GLY A 494 -9.74 -1.20 -4.95
CA GLY A 494 -8.61 -1.87 -5.56
C GLY A 494 -7.67 -0.81 -6.11
N THR A 495 -6.46 -1.22 -6.48
CA THR A 495 -5.53 -0.33 -7.15
C THR A 495 -6.15 0.22 -8.43
N TRP A 496 -6.94 -0.59 -9.14
CA TRP A 496 -7.56 -0.13 -10.40
C TRP A 496 -8.34 1.17 -10.17
N GLU A 497 -9.01 1.26 -9.03
CA GLU A 497 -9.84 2.42 -8.72
C GLU A 497 -8.97 3.68 -8.58
N GLN A 498 -7.86 3.55 -7.87
CA GLN A 498 -6.91 4.66 -7.72
C GLN A 498 -6.32 5.07 -9.07
N VAL A 499 -5.98 4.07 -9.90
CA VAL A 499 -5.52 4.37 -11.25
C VAL A 499 -6.58 5.18 -12.01
N SER A 500 -7.83 4.73 -11.91
CA SER A 500 -8.95 5.37 -12.60
C SER A 500 -9.17 6.80 -12.11
N LEU A 501 -9.05 7.03 -10.81
CA LEU A 501 -9.25 8.36 -10.28
C LEU A 501 -8.12 9.31 -10.67
N VAL A 502 -6.88 8.81 -10.65
CA VAL A 502 -5.76 9.68 -10.99
C VAL A 502 -5.77 10.00 -12.50
N ARG A 503 -6.14 9.03 -13.32
CA ARG A 503 -6.29 9.26 -14.75
C ARG A 503 -7.31 10.37 -15.01
N GLU A 504 -8.46 10.23 -14.36
CA GLU A 504 -9.56 11.19 -14.48
C GLU A 504 -9.08 12.58 -14.08
N GLU A 505 -8.42 12.68 -12.94
CA GLU A 505 -7.91 13.98 -12.50
C GLU A 505 -6.87 14.56 -13.45
N LEU A 506 -6.06 13.70 -14.04
CA LEU A 506 -5.04 14.16 -14.98
C LEU A 506 -5.66 14.67 -16.27
N LEU A 507 -6.67 13.97 -16.78
CA LEU A 507 -7.34 14.39 -18.02
C LEU A 507 -8.01 15.76 -17.88
N GLY A 508 -8.61 16.01 -16.73
CA GLY A 508 -9.23 17.30 -16.47
C GLY A 508 -8.22 18.42 -16.22
N ARG A 509 -6.94 18.09 -16.14
CA ARG A 509 -5.88 19.08 -16.09
C ARG A 509 -5.31 19.27 -17.49
N GLY A 510 -5.92 18.60 -18.47
CA GLY A 510 -5.47 18.71 -19.84
C GLY A 510 -4.30 17.80 -20.19
N ALA A 511 -3.81 17.04 -19.22
CA ALA A 511 -2.70 16.12 -19.46
C ALA A 511 -3.11 14.96 -20.37
N THR A 512 -2.15 14.41 -21.09
CA THR A 512 -2.34 13.21 -21.90
C THR A 512 -1.78 11.97 -21.17
N ILE A 513 -2.53 10.87 -21.18
CA ILE A 513 -2.10 9.63 -20.53
C ILE A 513 -1.54 8.66 -21.57
N LEU A 514 -0.29 8.24 -21.41
CA LEU A 514 0.30 7.25 -22.31
C LEU A 514 -0.16 5.83 -21.96
N THR A 515 -0.28 4.99 -22.99
CA THR A 515 -0.66 3.59 -22.81
C THR A 515 0.60 2.75 -22.71
N ALA A 516 0.43 1.48 -22.40
CA ALA A 516 1.57 0.60 -22.25
C ALA A 516 2.40 0.48 -23.54
N ALA A 517 1.72 0.40 -24.69
CA ALA A 517 2.40 0.27 -25.98
C ALA A 517 3.19 1.54 -26.30
N GLN A 518 2.59 2.68 -26.05
CA GLN A 518 3.32 3.93 -26.22
C GLN A 518 4.55 3.99 -25.32
N VAL A 519 4.35 3.71 -24.02
CA VAL A 519 5.46 3.73 -23.06
C VAL A 519 6.57 2.80 -23.50
N ARG A 520 6.21 1.56 -23.87
CA ARG A 520 7.19 0.57 -24.32
C ARG A 520 8.02 1.06 -25.52
N ASP A 521 7.32 1.60 -26.52
CA ASP A 521 7.96 2.12 -27.71
C ASP A 521 8.85 3.32 -27.39
N MET A 522 8.29 4.29 -26.67
CA MET A 522 9.01 5.50 -26.33
C MET A 522 10.13 5.33 -25.27
N PHE A 523 10.21 4.17 -24.63
CA PHE A 523 11.29 3.89 -23.68
C PHE A 523 12.28 2.91 -24.28
N GLY A 524 11.91 2.34 -25.44
CA GLY A 524 12.71 1.29 -26.04
C GLY A 524 12.88 0.08 -25.12
N LEU A 525 11.82 -0.30 -24.43
CA LEU A 525 11.88 -1.43 -23.48
C LEU A 525 11.37 -2.70 -24.14
#